data_5JSG
#
_entry.id   5JSG
#
_cell.length_a   43.060
_cell.length_b   123.908
_cell.length_c   49.779
_cell.angle_alpha   90.000
_cell.angle_beta   92.300
_cell.angle_gamma   90.000
#
_symmetry.space_group_name_H-M   'P 1 21 1'
#
loop_
_entity.id
_entity.type
_entity.pdbx_description
1 polymer Spindlin-1
2 non-polymer [2-(phenylamino)-1,4-phenylene]bis({4-[2-(pyrrolidin-1-yl)ethyl]piperidin-1-yl}methanone)
3 non-polymer 'MAGNESIUM ION'
4 non-polymer 'CHLORIDE ION'
5 water water
#
_entity_poly.entity_id   1
_entity_poly.type   'polypeptide(L)'
_entity_poly.pdbx_seq_one_letter_code
;MHHHHHHGSRRNIVGCRIQHGWKEGNGPVTQWKGTVLDQVPVNPSLYLIKYDGFDCVYGLELNKDERVSALEVLPDRVAT
SRISDAHLADTMIGKAVEHMFETEDGSKDEWRGMVLARAPVMNTWFYITYEKDPVLYMYQLLDDYKEGDLRIMPDSNDSP
PAEREPGEVVDSLVGKQVEYAKEDGSKRTGMVIHQVEAKPSVYFIKFDDDFHIYVYDLVKTS
;
_entity_poly.pdbx_strand_id   A,B
#
loop_
_chem_comp.id
_chem_comp.type
_chem_comp.name
_chem_comp.formula
6P9 non-polymer [2-(phenylamino)-1,4-phenylene]bis({4-[2-(pyrrolidin-1-yl)ethyl]piperidin-1-yl}methanone) 'C36 H51 N5 O2'
CL non-polymer 'CHLORIDE ION' 'Cl -1'
MG non-polymer 'MAGNESIUM ION' 'Mg 2'
#
# COMPACT_ATOMS: atom_id res chain seq x y z
N HIS A 7 41.97 31.67 10.79
CA HIS A 7 40.95 31.70 11.83
C HIS A 7 40.61 30.29 12.32
N GLY A 8 41.34 29.30 11.81
CA GLY A 8 41.13 27.93 12.21
C GLY A 8 40.72 27.03 11.06
N SER A 9 41.57 26.06 10.72
CA SER A 9 41.29 25.10 9.67
C SER A 9 41.43 23.69 10.21
N ARG A 10 40.44 22.85 9.93
CA ARG A 10 40.45 21.46 10.36
C ARG A 10 40.15 20.56 9.18
N ARG A 11 40.41 19.27 9.35
CA ARG A 11 40.12 18.31 8.29
C ARG A 11 38.62 18.05 8.20
N ASN A 12 38.20 17.64 7.00
CA ASN A 12 36.81 17.28 6.77
C ASN A 12 36.53 15.88 7.31
N ILE A 13 35.31 15.67 7.79
CA ILE A 13 34.94 14.42 8.45
C ILE A 13 34.05 13.54 7.59
N VAL A 14 33.77 13.94 6.35
CA VAL A 14 32.93 13.11 5.50
C VAL A 14 33.68 11.83 5.14
N GLY A 15 33.02 10.68 5.33
CA GLY A 15 33.65 9.40 5.11
C GLY A 15 34.35 8.83 6.33
N CYS A 16 34.49 9.61 7.39
CA CYS A 16 35.14 9.16 8.61
C CYS A 16 34.12 8.66 9.62
N ARG A 17 34.54 7.69 10.43
CA ARG A 17 33.77 7.27 11.59
C ARG A 17 34.13 8.14 12.79
N ILE A 18 33.09 8.56 13.54
CA ILE A 18 33.26 9.48 14.64
C ILE A 18 32.62 8.91 15.89
N GLN A 19 32.99 9.49 17.03
CA GLN A 19 32.31 9.25 18.30
C GLN A 19 32.17 10.57 19.04
N HIS A 20 31.09 10.71 19.80
CA HIS A 20 30.84 11.94 20.52
C HIS A 20 29.84 11.68 21.65
N GLY A 21 29.81 12.63 22.59
CA GLY A 21 28.84 12.60 23.66
C GLY A 21 27.60 13.41 23.33
N TRP A 22 26.48 13.02 23.94
CA TRP A 22 25.19 13.61 23.64
C TRP A 22 24.45 13.89 24.93
N LYS A 23 23.90 15.10 25.06
CA LYS A 23 23.20 15.51 26.27
C LYS A 23 22.01 16.38 25.87
N GLU A 24 20.81 15.94 26.23
CA GLU A 24 19.58 16.67 25.93
C GLU A 24 18.85 16.96 27.23
N GLY A 25 18.61 18.25 27.48
CA GLY A 25 17.89 18.62 28.68
C GLY A 25 18.68 18.29 29.94
N ASN A 26 17.96 17.83 30.97
CA ASN A 26 18.57 17.42 32.22
C ASN A 26 19.04 15.96 32.19
N GLY A 27 19.14 15.35 31.02
CA GLY A 27 19.56 13.98 30.91
C GLY A 27 21.07 13.83 31.00
N PRO A 28 21.54 12.63 31.25
CA PRO A 28 22.98 12.40 31.32
C PRO A 28 23.61 12.39 29.94
N VAL A 29 24.94 12.43 29.93
CA VAL A 29 25.70 12.37 28.68
C VAL A 29 25.78 10.91 28.23
N THR A 30 25.32 10.66 27.01
CA THR A 30 25.39 9.33 26.42
C THR A 30 26.44 9.31 25.31
N GLN A 31 27.00 8.12 25.08
CA GLN A 31 28.10 7.94 24.13
C GLN A 31 27.58 7.32 22.85
N TRP A 32 28.11 7.78 21.71
CA TRP A 32 27.63 7.35 20.40
C TRP A 32 28.79 7.20 19.43
N LYS A 33 28.72 6.17 18.59
CA LYS A 33 29.62 6.00 17.46
C LYS A 33 28.80 6.06 16.16
N GLY A 34 29.41 6.59 15.11
CA GLY A 34 28.69 6.71 13.86
C GLY A 34 29.62 6.94 12.69
N THR A 35 29.02 6.90 11.49
CA THR A 35 29.72 7.11 10.23
C THR A 35 29.13 8.31 9.52
N VAL A 36 29.98 9.27 9.17
CA VAL A 36 29.54 10.47 8.46
C VAL A 36 29.39 10.13 6.98
N LEU A 37 28.17 10.21 6.47
CA LEU A 37 27.87 9.80 5.10
C LEU A 37 28.10 10.91 4.09
N ASP A 38 27.63 12.13 4.39
CA ASP A 38 27.70 13.21 3.42
C ASP A 38 27.57 14.54 4.16
N GLN A 39 27.81 15.62 3.42
CA GLN A 39 27.70 16.99 3.90
C GLN A 39 26.75 17.74 3.00
N VAL A 40 25.77 18.43 3.59
CA VAL A 40 24.70 19.07 2.83
C VAL A 40 25.24 20.32 2.13
N PRO A 41 25.10 20.41 0.80
CA PRO A 41 25.62 21.60 0.10
C PRO A 41 24.96 22.91 0.54
N VAL A 42 23.63 22.93 0.64
CA VAL A 42 22.93 24.18 0.93
C VAL A 42 22.99 24.52 2.41
N ASN A 43 23.81 23.77 3.15
CA ASN A 43 24.08 24.06 4.55
C ASN A 43 25.23 23.18 5.02
N PRO A 44 26.48 23.61 4.81
CA PRO A 44 27.62 22.72 5.07
C PRO A 44 27.80 22.38 6.54
N SER A 45 27.09 23.04 7.46
CA SER A 45 27.17 22.67 8.86
C SER A 45 26.41 21.38 9.15
N LEU A 46 25.53 20.96 8.25
CA LEU A 46 24.67 19.80 8.46
C LEU A 46 25.31 18.56 7.83
N TYR A 47 25.50 17.53 8.65
CA TYR A 47 26.03 16.25 8.20
C TYR A 47 24.97 15.17 8.29
N LEU A 48 25.05 14.20 7.40
CA LEU A 48 24.23 12.99 7.46
C LEU A 48 25.07 11.89 8.10
N ILE A 49 24.59 11.35 9.21
CA ILE A 49 25.32 10.37 10.00
C ILE A 49 24.48 9.11 10.11
N LYS A 50 25.13 7.96 10.00
CA LYS A 50 24.53 6.67 10.35
C LYS A 50 25.17 6.21 11.65
N TYR A 51 24.39 6.22 12.72
CA TYR A 51 24.90 5.81 14.03
C TYR A 51 24.93 4.30 14.14
N ASP A 52 25.96 3.79 14.83
CA ASP A 52 26.15 2.35 14.97
C ASP A 52 24.95 1.72 15.64
N GLY A 53 24.36 0.74 14.97
CA GLY A 53 23.26 -0.01 15.53
C GLY A 53 21.88 0.49 15.19
N PHE A 54 21.76 1.48 14.32
CA PHE A 54 20.46 2.01 13.93
C PHE A 54 20.50 2.33 12.44
N ASP A 55 19.35 2.24 11.79
CA ASP A 55 19.29 2.30 10.33
C ASP A 55 18.64 3.56 9.79
N CYS A 56 18.30 4.53 10.65
CA CYS A 56 17.90 5.83 10.16
C CYS A 56 19.12 6.68 9.87
N VAL A 57 19.01 7.52 8.85
CA VAL A 57 20.02 8.54 8.58
C VAL A 57 19.60 9.81 9.29
N TYR A 58 20.52 10.38 10.08
CA TYR A 58 20.22 11.53 10.90
C TYR A 58 20.99 12.75 10.42
N GLY A 59 20.40 13.93 10.66
CA GLY A 59 21.04 15.18 10.35
C GLY A 59 21.38 15.95 11.61
N LEU A 60 22.67 16.21 11.81
CA LEU A 60 23.14 16.98 12.96
C LEU A 60 24.19 17.98 12.51
N GLU A 61 24.22 19.12 13.19
CA GLU A 61 25.30 20.09 13.02
C GLU A 61 26.36 19.79 14.08
N LEU A 62 27.22 18.83 13.74
CA LEU A 62 28.16 18.23 14.69
C LEU A 62 29.17 19.23 15.26
N ASN A 63 29.32 20.40 14.64
CA ASN A 63 30.28 21.39 15.11
C ASN A 63 29.62 22.59 15.78
N LYS A 64 28.31 22.79 15.61
CA LYS A 64 27.61 23.91 16.22
C LYS A 64 26.60 23.51 17.28
N ASP A 65 26.09 22.29 17.25
CA ASP A 65 25.07 21.86 18.20
C ASP A 65 25.70 21.71 19.58
N GLU A 66 25.24 22.53 20.53
CA GLU A 66 25.81 22.53 21.88
C GLU A 66 25.49 21.26 22.65
N ARG A 67 24.55 20.44 22.17
CA ARG A 67 24.30 19.16 22.82
C ARG A 67 25.40 18.15 22.54
N VAL A 68 26.28 18.42 21.57
CA VAL A 68 27.37 17.52 21.21
C VAL A 68 28.58 17.85 22.07
N SER A 69 29.29 16.83 22.52
CA SER A 69 30.49 17.01 23.31
C SER A 69 31.52 15.95 22.94
N ALA A 70 32.79 16.33 23.03
CA ALA A 70 33.92 15.40 22.88
C ALA A 70 33.91 14.71 21.53
N LEU A 71 33.70 15.50 20.48
CA LEU A 71 33.69 14.95 19.12
C LEU A 71 35.10 14.50 18.72
N GLU A 72 35.23 13.22 18.38
CA GLU A 72 36.51 12.66 17.97
C GLU A 72 36.33 11.87 16.68
N VAL A 73 37.41 11.81 15.89
CA VAL A 73 37.44 11.02 14.66
C VAL A 73 38.21 9.75 14.93
N LEU A 74 37.60 8.61 14.59
CA LEU A 74 38.23 7.32 14.80
C LEU A 74 39.20 7.00 13.67
N PRO A 75 40.18 6.13 13.92
CA PRO A 75 41.04 5.65 12.84
C PRO A 75 40.41 4.57 11.97
N ASP A 76 39.14 4.25 12.20
CA ASP A 76 38.46 3.20 11.43
C ASP A 76 38.31 3.63 9.97
N ARG A 77 38.46 2.66 9.08
CA ARG A 77 38.28 2.86 7.64
C ARG A 77 37.11 2.00 7.18
N VAL A 78 36.01 2.64 6.76
CA VAL A 78 34.85 1.90 6.26
C VAL A 78 35.28 1.07 5.06
N ALA A 79 34.93 -0.21 5.08
CA ALA A 79 35.35 -1.13 4.03
C ALA A 79 34.64 -0.81 2.72
N THR A 80 35.40 -0.90 1.61
CA THR A 80 34.85 -0.67 0.28
C THR A 80 34.62 -2.02 -0.39
N SER A 81 33.50 -2.63 -0.01
CA SER A 81 33.15 -3.95 -0.53
C SER A 81 32.73 -3.84 -2.00
N ARG A 82 32.50 -5.00 -2.62
CA ARG A 82 32.02 -5.08 -3.99
C ARG A 82 30.58 -5.56 -3.99
N ILE A 83 29.76 -4.95 -4.84
CA ILE A 83 28.35 -5.32 -4.93
C ILE A 83 28.23 -6.68 -5.61
N SER A 84 27.54 -7.61 -4.94
CA SER A 84 27.42 -8.97 -5.43
C SER A 84 26.55 -9.08 -6.68
N ASP A 85 25.86 -8.00 -7.07
CA ASP A 85 24.86 -8.08 -8.13
C ASP A 85 24.61 -6.66 -8.65
N ALA A 86 25.43 -6.23 -9.61
CA ALA A 86 25.36 -4.86 -10.09
C ALA A 86 24.04 -4.60 -10.84
N HIS A 87 23.58 -5.58 -11.64
CA HIS A 87 22.36 -5.37 -12.41
C HIS A 87 21.16 -5.21 -11.49
N LEU A 88 21.02 -6.11 -10.51
CA LEU A 88 19.95 -5.98 -9.54
C LEU A 88 20.08 -4.71 -8.72
N ALA A 89 21.30 -4.36 -8.33
CA ALA A 89 21.52 -3.14 -7.56
C ALA A 89 21.16 -1.90 -8.36
N ASP A 90 21.29 -1.96 -9.69
CA ASP A 90 21.05 -0.79 -10.51
C ASP A 90 19.58 -0.62 -10.85
N THR A 91 18.91 -1.71 -11.25
CA THR A 91 17.51 -1.61 -11.64
C THR A 91 16.58 -1.43 -10.45
N MET A 92 17.05 -1.73 -9.24
CA MET A 92 16.23 -1.60 -8.04
C MET A 92 16.02 -0.14 -7.64
N ILE A 93 16.91 0.75 -8.07
CA ILE A 93 16.86 2.14 -7.64
C ILE A 93 15.69 2.85 -8.31
N GLY A 94 14.91 3.57 -7.50
CA GLY A 94 13.74 4.27 -7.99
C GLY A 94 12.47 3.46 -8.00
N LYS A 95 12.51 2.20 -7.59
CA LYS A 95 11.35 1.32 -7.64
C LYS A 95 10.59 1.33 -6.33
N ALA A 96 9.29 1.07 -6.43
CA ALA A 96 8.48 0.80 -5.25
C ALA A 96 8.72 -0.65 -4.82
N VAL A 97 8.75 -0.87 -3.51
CA VAL A 97 9.10 -2.17 -2.95
C VAL A 97 8.18 -2.51 -1.79
N GLU A 98 8.12 -3.81 -1.50
CA GLU A 98 7.53 -4.33 -0.27
C GLU A 98 8.66 -4.91 0.58
N HIS A 99 8.81 -4.39 1.79
CA HIS A 99 9.96 -4.73 2.64
C HIS A 99 9.45 -5.48 3.86
N MET A 100 9.87 -6.73 4.00
CA MET A 100 9.41 -7.58 5.08
C MET A 100 10.29 -7.40 6.32
N PHE A 101 9.66 -7.17 7.46
CA PHE A 101 10.35 -7.02 8.74
C PHE A 101 9.83 -8.05 9.73
N GLU A 102 10.58 -8.22 10.82
CA GLU A 102 10.28 -9.22 11.84
C GLU A 102 9.96 -8.53 13.17
N THR A 103 8.92 -9.01 13.83
CA THR A 103 8.44 -8.41 15.06
C THR A 103 8.97 -9.17 16.27
N GLU A 104 8.37 -8.91 17.44
CA GLU A 104 8.76 -9.60 18.66
C GLU A 104 8.24 -11.04 18.68
N ASP A 105 6.95 -11.22 18.44
CA ASP A 105 6.31 -12.52 18.48
C ASP A 105 6.73 -13.38 17.29
N GLY A 106 7.59 -12.84 16.44
CA GLY A 106 8.02 -13.51 15.23
C GLY A 106 7.15 -13.24 14.02
N SER A 107 6.01 -12.57 14.20
CA SER A 107 5.15 -12.26 13.06
C SER A 107 5.85 -11.30 12.10
N LYS A 108 5.35 -11.26 10.88
CA LYS A 108 6.00 -10.52 9.79
C LYS A 108 5.15 -9.31 9.42
N ASP A 109 5.78 -8.13 9.48
CA ASP A 109 5.20 -6.90 8.94
C ASP A 109 5.82 -6.60 7.59
N GLU A 110 4.99 -6.12 6.67
CA GLU A 110 5.42 -5.77 5.32
C GLU A 110 5.12 -4.30 5.08
N TRP A 111 6.15 -3.54 4.72
CA TRP A 111 6.05 -2.09 4.59
C TRP A 111 6.29 -1.68 3.15
N ARG A 112 5.42 -0.81 2.64
CA ARG A 112 5.62 -0.23 1.31
C ARG A 112 6.70 0.84 1.39
N GLY A 113 7.66 0.76 0.49
CA GLY A 113 8.75 1.72 0.46
C GLY A 113 9.15 2.06 -0.96
N MET A 114 10.19 2.89 -1.06
CA MET A 114 10.79 3.20 -2.35
C MET A 114 12.30 3.27 -2.18
N VAL A 115 13.02 2.57 -3.05
CA VAL A 115 14.48 2.65 -3.07
C VAL A 115 14.86 3.95 -3.75
N LEU A 116 15.67 4.76 -3.08
CA LEU A 116 15.98 6.10 -3.52
C LEU A 116 17.30 6.19 -4.27
N ALA A 117 18.36 5.58 -3.73
CA ALA A 117 19.68 5.70 -4.30
C ALA A 117 20.61 4.73 -3.58
N ARG A 118 21.80 4.55 -4.15
CA ARG A 118 22.89 3.92 -3.42
C ARG A 118 23.42 4.89 -2.37
N ALA A 119 23.72 4.36 -1.18
CA ALA A 119 24.22 5.21 -0.12
C ALA A 119 25.69 5.56 -0.36
N PRO A 120 26.11 6.76 0.04
CA PRO A 120 27.53 7.10 -0.03
C PRO A 120 28.33 6.41 1.06
N VAL A 121 29.64 6.33 0.83
CA VAL A 121 30.62 5.83 1.80
C VAL A 121 30.43 4.35 2.07
N MET A 122 29.20 3.93 2.40
CA MET A 122 28.90 2.52 2.63
C MET A 122 28.22 2.00 1.36
N ASN A 123 29.03 1.50 0.44
CA ASN A 123 28.62 1.30 -0.94
C ASN A 123 27.74 0.09 -1.17
N THR A 124 27.49 -0.73 -0.15
CA THR A 124 26.58 -1.85 -0.27
C THR A 124 25.23 -1.58 0.40
N TRP A 125 24.99 -0.34 0.81
CA TRP A 125 23.75 0.05 1.46
C TRP A 125 22.95 0.94 0.52
N PHE A 126 21.63 0.96 0.72
CA PHE A 126 20.72 1.68 -0.14
C PHE A 126 19.89 2.65 0.69
N TYR A 127 19.74 3.86 0.18
CA TYR A 127 18.76 4.79 0.74
C TYR A 127 17.35 4.30 0.42
N ILE A 128 16.46 4.33 1.41
CA ILE A 128 15.09 3.88 1.22
C ILE A 128 14.19 4.60 2.21
N THR A 129 12.98 4.92 1.77
CA THR A 129 11.96 5.53 2.61
C THR A 129 10.66 4.74 2.48
N TYR A 130 9.72 4.99 3.38
CA TYR A 130 8.50 4.19 3.45
C TYR A 130 7.28 5.10 3.52
N GLU A 131 6.14 4.56 3.09
CA GLU A 131 4.88 5.32 3.11
C GLU A 131 4.45 5.63 4.54
N LYS A 132 4.39 4.61 5.39
CA LYS A 132 3.97 4.78 6.77
C LYS A 132 5.10 5.21 7.69
N ASP A 133 6.27 5.55 7.14
CA ASP A 133 7.41 6.03 7.90
C ASP A 133 8.33 6.80 6.95
N PRO A 134 7.97 8.03 6.57
CA PRO A 134 8.67 8.74 5.49
C PRO A 134 9.93 9.47 5.94
N VAL A 135 10.84 8.75 6.59
CA VAL A 135 12.16 9.27 6.92
C VAL A 135 13.22 8.44 6.19
N LEU A 136 14.46 8.92 6.26
CA LEU A 136 15.54 8.31 5.48
C LEU A 136 16.10 7.10 6.21
N TYR A 137 16.13 5.96 5.52
CA TYR A 137 16.64 4.71 6.06
C TYR A 137 17.77 4.17 5.19
N MET A 138 18.56 3.29 5.77
CA MET A 138 19.68 2.64 5.09
C MET A 138 19.64 1.14 5.36
N TYR A 139 19.66 0.35 4.30
CA TYR A 139 19.66 -1.10 4.43
C TYR A 139 20.50 -1.73 3.33
N GLN A 140 21.02 -2.93 3.62
CA GLN A 140 21.67 -3.76 2.61
C GLN A 140 20.57 -4.57 1.91
N LEU A 141 19.96 -3.92 0.91
CA LEU A 141 18.75 -4.47 0.30
C LEU A 141 19.03 -5.69 -0.57
N LEU A 142 20.21 -5.75 -1.19
CA LEU A 142 20.53 -6.91 -2.02
C LEU A 142 20.48 -8.21 -1.21
N ASP A 143 20.88 -8.14 0.06
CA ASP A 143 20.88 -9.34 0.89
C ASP A 143 19.49 -9.70 1.37
N ASP A 144 18.64 -8.70 1.66
CA ASP A 144 17.23 -9.00 1.94
C ASP A 144 16.52 -9.54 0.71
N TYR A 145 16.91 -9.08 -0.48
CA TYR A 145 16.29 -9.55 -1.71
C TYR A 145 16.54 -11.05 -1.91
N LYS A 146 17.80 -11.48 -1.74
CA LYS A 146 18.11 -12.90 -1.82
C LYS A 146 17.42 -13.68 -0.71
N GLU A 147 17.36 -13.11 0.50
CA GLU A 147 16.63 -13.73 1.60
C GLU A 147 15.14 -13.82 1.34
N GLY A 148 14.63 -13.13 0.33
CA GLY A 148 13.21 -13.18 0.01
C GLY A 148 12.35 -12.20 0.78
N ASP A 149 12.94 -11.24 1.50
CA ASP A 149 12.19 -10.28 2.28
C ASP A 149 11.96 -8.96 1.55
N LEU A 150 12.38 -8.86 0.29
CA LEU A 150 12.19 -7.65 -0.50
C LEU A 150 11.63 -8.04 -1.86
N ARG A 151 10.44 -7.52 -2.18
CA ARG A 151 9.82 -7.72 -3.49
C ARG A 151 9.69 -6.37 -4.17
N ILE A 152 10.07 -6.31 -5.43
CA ILE A 152 10.00 -5.09 -6.22
C ILE A 152 8.67 -5.09 -6.98
N MET A 153 8.09 -3.91 -7.13
CA MET A 153 6.83 -3.67 -7.81
C MET A 153 7.08 -3.07 -9.19
N PRO A 154 6.09 -3.17 -10.13
CA PRO A 154 6.28 -2.76 -11.53
C PRO A 154 6.90 -1.37 -11.71
N ASP A 171 15.02 21.79 -13.18
CA ASP A 171 14.87 22.73 -12.07
C ASP A 171 14.65 21.99 -10.75
N SER A 172 15.11 22.59 -9.67
CA SER A 172 15.13 21.94 -8.36
C SER A 172 14.56 22.87 -7.29
N LEU A 173 13.87 22.28 -6.33
CA LEU A 173 13.33 23.01 -5.18
C LEU A 173 14.30 23.08 -4.01
N VAL A 174 15.54 22.60 -4.19
CA VAL A 174 16.51 22.60 -3.10
C VAL A 174 16.88 24.04 -2.76
N GLY A 175 16.91 24.34 -1.47
CA GLY A 175 17.10 25.69 -0.99
C GLY A 175 15.82 26.37 -0.52
N LYS A 176 14.68 25.90 -1.00
CA LYS A 176 13.39 26.43 -0.56
C LYS A 176 13.05 25.91 0.83
N GLN A 177 12.08 26.56 1.46
CA GLN A 177 11.53 26.11 2.73
C GLN A 177 10.12 25.60 2.51
N VAL A 178 9.73 24.60 3.29
CA VAL A 178 8.39 24.04 3.25
C VAL A 178 7.77 24.16 4.63
N GLU A 179 6.48 24.49 4.67
CA GLU A 179 5.74 24.65 5.90
C GLU A 179 4.59 23.66 5.93
N TYR A 180 4.49 22.90 7.03
CA TYR A 180 3.43 21.91 7.19
C TYR A 180 2.70 22.16 8.50
N ALA A 181 1.42 21.82 8.52
CA ALA A 181 0.57 21.96 9.70
C ALA A 181 0.26 20.55 10.22
N LYS A 182 0.83 20.22 11.37
CA LYS A 182 0.67 18.89 11.95
C LYS A 182 0.13 18.97 13.39
N ARG A 188 5.64 24.17 11.88
CA ARG A 188 6.64 23.17 11.52
C ARG A 188 7.28 23.50 10.18
N THR A 189 8.50 24.01 10.21
CA THR A 189 9.21 24.45 9.03
C THR A 189 10.46 23.61 8.82
N GLY A 190 10.84 23.43 7.56
CA GLY A 190 12.06 22.73 7.21
C GLY A 190 12.65 23.33 5.96
N MET A 191 13.81 22.80 5.58
CA MET A 191 14.48 23.21 4.36
C MET A 191 14.68 22.00 3.45
N VAL A 192 14.54 22.22 2.16
CA VAL A 192 14.79 21.18 1.16
C VAL A 192 16.29 21.14 0.89
N ILE A 193 16.90 19.99 1.18
CA ILE A 193 18.36 19.90 1.17
C ILE A 193 18.90 19.00 0.05
N HIS A 194 18.07 18.16 -0.58
CA HIS A 194 18.56 17.30 -1.63
C HIS A 194 17.42 16.84 -2.53
N GLN A 195 17.70 16.74 -3.82
CA GLN A 195 16.77 16.23 -4.82
C GLN A 195 17.19 14.83 -5.22
N VAL A 196 16.28 13.87 -5.09
CA VAL A 196 16.58 12.49 -5.46
C VAL A 196 16.71 12.38 -6.97
N GLU A 197 17.87 11.90 -7.43
CA GLU A 197 18.15 11.83 -8.86
C GLU A 197 17.14 10.95 -9.59
N ALA A 198 16.95 9.72 -9.11
CA ALA A 198 16.06 8.79 -9.81
C ALA A 198 14.61 9.21 -9.76
N LYS A 199 14.25 10.14 -8.87
CA LYS A 199 12.88 10.60 -8.71
C LYS A 199 12.89 12.08 -8.40
N PRO A 200 12.97 12.93 -9.43
CA PRO A 200 13.28 14.35 -9.21
C PRO A 200 12.21 15.12 -8.45
N SER A 201 11.01 14.58 -8.30
CA SER A 201 9.97 15.22 -7.51
C SER A 201 10.05 14.86 -6.04
N VAL A 202 10.94 13.97 -5.67
CA VAL A 202 11.14 13.56 -4.29
C VAL A 202 12.37 14.29 -3.74
N TYR A 203 12.25 14.80 -2.51
CA TYR A 203 13.29 15.62 -1.92
C TYR A 203 13.53 15.22 -0.47
N PHE A 204 14.76 15.46 -0.01
CA PHE A 204 15.07 15.39 1.41
C PHE A 204 14.71 16.71 2.07
N ILE A 205 14.09 16.64 3.25
CA ILE A 205 13.73 17.83 4.02
C ILE A 205 14.24 17.67 5.44
N LYS A 206 14.93 18.68 5.95
CA LYS A 206 15.39 18.74 7.32
C LYS A 206 14.52 19.73 8.08
N PHE A 207 13.78 19.24 9.08
CA PHE A 207 12.90 20.08 9.86
C PHE A 207 13.60 20.60 11.10
N ASP A 208 13.15 21.75 11.58
CA ASP A 208 13.74 22.37 12.77
C ASP A 208 13.46 21.50 13.99
N ASP A 209 14.51 21.28 14.79
CA ASP A 209 14.40 20.54 16.05
C ASP A 209 13.88 19.12 15.84
N ASP A 210 14.35 18.48 14.77
CA ASP A 210 14.09 17.08 14.49
C ASP A 210 15.26 16.58 13.66
N PHE A 211 16.04 15.65 14.20
CA PHE A 211 17.24 15.20 13.50
C PHE A 211 16.98 14.08 12.50
N HIS A 212 15.73 13.83 12.14
CA HIS A 212 15.44 12.91 11.05
C HIS A 212 15.55 13.62 9.72
N ILE A 213 15.84 12.87 8.67
CA ILE A 213 15.78 13.35 7.31
C ILE A 213 14.47 12.84 6.72
N TYR A 214 13.56 13.75 6.39
CA TYR A 214 12.27 13.38 5.84
C TYR A 214 12.34 13.34 4.33
N VAL A 215 11.56 12.43 3.74
CA VAL A 215 11.57 12.18 2.31
C VAL A 215 10.13 12.36 1.83
N TYR A 216 9.86 13.47 1.18
CA TYR A 216 8.52 13.79 0.68
C TYR A 216 8.54 13.98 -0.83
N ASP A 217 7.42 13.65 -1.47
CA ASP A 217 7.20 13.99 -2.87
C ASP A 217 6.56 15.37 -2.93
N LEU A 218 7.27 16.32 -3.52
CA LEU A 218 6.80 17.70 -3.57
C LEU A 218 6.04 18.04 -4.83
N VAL A 219 5.85 17.07 -5.73
CA VAL A 219 5.04 17.23 -6.94
C VAL A 219 5.44 18.46 -7.75
N HIS B 7 -43.40 -13.76 -25.34
CA HIS B 7 -43.03 -13.07 -24.11
C HIS B 7 -42.42 -14.03 -23.10
N GLY B 8 -41.44 -13.53 -22.33
CA GLY B 8 -40.91 -14.29 -21.22
C GLY B 8 -41.24 -13.65 -19.89
N SER B 9 -42.33 -14.09 -19.27
CA SER B 9 -42.74 -13.54 -17.98
C SER B 9 -41.87 -14.14 -16.88
N ARG B 10 -41.04 -13.32 -16.26
CA ARG B 10 -40.09 -13.76 -15.25
C ARG B 10 -40.24 -12.92 -13.99
N ARG B 11 -40.20 -13.59 -12.84
CA ARG B 11 -40.38 -12.92 -11.55
C ARG B 11 -39.13 -12.14 -11.15
N ASN B 12 -39.32 -11.22 -10.22
CA ASN B 12 -38.22 -10.45 -9.68
C ASN B 12 -37.52 -11.24 -8.59
N ILE B 13 -36.21 -11.42 -8.72
CA ILE B 13 -35.45 -12.31 -7.85
C ILE B 13 -34.46 -11.58 -6.97
N VAL B 14 -34.45 -10.24 -7.00
CA VAL B 14 -33.52 -9.51 -6.14
C VAL B 14 -33.95 -9.68 -4.69
N GLY B 15 -32.98 -10.07 -3.84
CA GLY B 15 -33.26 -10.37 -2.46
C GLY B 15 -33.54 -11.83 -2.18
N CYS B 16 -33.81 -12.62 -3.21
CA CYS B 16 -34.19 -14.01 -3.05
C CYS B 16 -32.98 -14.93 -3.06
N ARG B 17 -33.16 -16.11 -2.45
CA ARG B 17 -32.18 -17.18 -2.53
C ARG B 17 -32.48 -18.05 -3.75
N ILE B 18 -31.43 -18.54 -4.39
CA ILE B 18 -31.56 -19.33 -5.60
C ILE B 18 -30.64 -20.53 -5.54
N GLN B 19 -30.98 -21.54 -6.33
CA GLN B 19 -30.08 -22.66 -6.61
C GLN B 19 -30.15 -22.97 -8.09
N HIS B 20 -29.03 -23.41 -8.65
CA HIS B 20 -28.96 -23.71 -10.07
C HIS B 20 -27.80 -24.65 -10.34
N GLY B 21 -27.91 -25.40 -11.44
CA GLY B 21 -26.79 -26.17 -11.91
C GLY B 21 -25.87 -25.35 -12.78
N TRP B 22 -24.62 -25.82 -12.88
CA TRP B 22 -23.59 -25.07 -13.60
C TRP B 22 -22.66 -26.05 -14.28
N LYS B 23 -22.49 -25.88 -15.59
CA LYS B 23 -21.62 -26.75 -16.39
C LYS B 23 -20.55 -25.89 -17.04
N GLU B 24 -19.33 -26.02 -16.57
CA GLU B 24 -18.19 -25.25 -17.08
C GLU B 24 -17.50 -26.07 -18.16
N GLY B 25 -17.66 -25.64 -19.41
CA GLY B 25 -17.02 -26.31 -20.53
C GLY B 25 -17.43 -27.75 -20.72
N ASN B 26 -16.57 -28.67 -20.28
CA ASN B 26 -16.79 -30.09 -20.45
C ASN B 26 -16.94 -30.87 -19.14
N GLY B 27 -16.74 -30.23 -17.99
CA GLY B 27 -16.89 -30.89 -16.73
C GLY B 27 -18.33 -31.22 -16.42
N PRO B 28 -18.56 -31.90 -15.29
CA PRO B 28 -19.93 -32.25 -14.91
C PRO B 28 -20.73 -31.06 -14.42
N VAL B 29 -21.99 -31.28 -14.06
CA VAL B 29 -22.85 -30.21 -13.57
C VAL B 29 -22.72 -30.13 -12.05
N THR B 30 -22.40 -28.95 -11.56
CA THR B 30 -22.26 -28.72 -10.13
C THR B 30 -23.43 -27.88 -9.62
N GLN B 31 -23.80 -28.11 -8.36
CA GLN B 31 -24.96 -27.46 -7.75
C GLN B 31 -24.48 -26.31 -6.87
N TRP B 32 -25.15 -25.17 -6.97
CA TRP B 32 -24.77 -23.98 -6.24
C TRP B 32 -25.99 -23.34 -5.60
N LYS B 33 -25.77 -22.70 -4.45
CA LYS B 33 -26.80 -21.91 -3.79
C LYS B 33 -26.24 -20.54 -3.45
N GLY B 34 -27.07 -19.51 -3.63
CA GLY B 34 -26.60 -18.15 -3.40
C GLY B 34 -27.75 -17.19 -3.27
N THR B 35 -27.39 -15.96 -2.90
CA THR B 35 -28.33 -14.88 -2.70
C THR B 35 -28.15 -13.86 -3.82
N VAL B 36 -29.26 -13.44 -4.41
CA VAL B 36 -29.23 -12.45 -5.49
C VAL B 36 -29.18 -11.06 -4.87
N LEU B 37 -28.09 -10.35 -5.11
CA LEU B 37 -27.88 -9.03 -4.52
C LEU B 37 -28.53 -7.92 -5.32
N ASP B 38 -28.42 -7.94 -6.64
CA ASP B 38 -28.88 -6.82 -7.44
C ASP B 38 -29.10 -7.25 -8.87
N GLN B 39 -29.91 -6.47 -9.58
CA GLN B 39 -30.14 -6.62 -11.01
C GLN B 39 -29.66 -5.35 -11.69
N VAL B 40 -28.69 -5.49 -12.59
CA VAL B 40 -28.00 -4.32 -13.15
C VAL B 40 -28.98 -3.46 -13.94
N PRO B 41 -29.21 -2.20 -13.53
CA PRO B 41 -30.14 -1.36 -14.29
C PRO B 41 -29.76 -1.19 -15.75
N VAL B 42 -28.47 -1.11 -16.05
CA VAL B 42 -28.04 -0.88 -17.43
C VAL B 42 -28.19 -2.15 -18.26
N ASN B 43 -28.10 -3.32 -17.63
CA ASN B 43 -28.23 -4.59 -18.33
C ASN B 43 -29.04 -5.53 -17.43
N PRO B 44 -30.38 -5.47 -17.53
CA PRO B 44 -31.22 -6.19 -16.56
C PRO B 44 -31.11 -7.70 -16.63
N SER B 45 -30.54 -8.25 -17.70
CA SER B 45 -30.33 -9.69 -17.74
C SER B 45 -29.18 -10.14 -16.84
N LEU B 46 -28.36 -9.20 -16.37
CA LEU B 46 -27.19 -9.51 -15.55
C LEU B 46 -27.53 -9.35 -14.07
N TYR B 47 -27.11 -10.33 -13.27
CA TYR B 47 -27.40 -10.33 -11.83
C TYR B 47 -26.12 -10.43 -11.03
N LEU B 48 -26.06 -9.69 -9.93
CA LEU B 48 -24.97 -9.80 -8.98
C LEU B 48 -25.37 -10.79 -7.88
N ILE B 49 -24.51 -11.77 -7.64
CA ILE B 49 -24.86 -12.91 -6.79
C ILE B 49 -23.74 -13.15 -5.79
N LYS B 50 -24.13 -13.43 -4.55
CA LYS B 50 -23.20 -13.93 -3.54
C LYS B 50 -23.50 -15.41 -3.33
N TYR B 51 -22.53 -16.25 -3.68
CA TYR B 51 -22.68 -17.70 -3.52
C TYR B 51 -22.22 -18.11 -2.12
N ASP B 52 -22.99 -19.02 -1.52
CA ASP B 52 -22.72 -19.42 -0.13
C ASP B 52 -21.31 -20.00 -0.01
N GLY B 53 -20.54 -19.46 0.92
CA GLY B 53 -19.18 -19.88 1.13
C GLY B 53 -18.12 -19.09 0.39
N PHE B 54 -18.52 -18.07 -0.37
CA PHE B 54 -17.57 -17.25 -1.12
C PHE B 54 -17.97 -15.78 -0.98
N ASP B 55 -16.98 -14.93 -0.81
CA ASP B 55 -17.21 -13.53 -0.53
C ASP B 55 -17.08 -12.63 -1.75
N CYS B 56 -16.55 -13.15 -2.84
CA CYS B 56 -16.52 -12.41 -4.10
C CYS B 56 -17.94 -12.24 -4.63
N VAL B 57 -18.19 -11.08 -5.26
CA VAL B 57 -19.46 -10.79 -5.90
C VAL B 57 -19.36 -11.17 -7.36
N TYR B 58 -20.29 -12.00 -7.84
CA TYR B 58 -20.22 -12.56 -9.17
C TYR B 58 -21.36 -12.02 -10.05
N GLY B 59 -21.07 -11.88 -11.34
CA GLY B 59 -22.05 -11.42 -12.29
C GLY B 59 -22.44 -12.51 -13.27
N LEU B 60 -23.72 -12.86 -13.30
CA LEU B 60 -24.21 -13.90 -14.19
C LEU B 60 -25.52 -13.47 -14.82
N GLU B 61 -25.66 -13.76 -16.12
CA GLU B 61 -26.95 -13.66 -16.80
C GLU B 61 -27.69 -14.97 -16.57
N LEU B 62 -28.39 -15.06 -15.44
CA LEU B 62 -28.95 -16.32 -14.97
C LEU B 62 -29.92 -16.93 -15.98
N ASN B 63 -30.66 -16.10 -16.71
CA ASN B 63 -31.64 -16.63 -17.65
C ASN B 63 -31.07 -16.95 -19.01
N LYS B 64 -30.03 -16.23 -19.43
CA LYS B 64 -29.50 -16.35 -20.78
C LYS B 64 -28.20 -17.14 -20.88
N ASP B 65 -27.47 -17.30 -19.78
CA ASP B 65 -26.22 -18.05 -19.83
C ASP B 65 -26.52 -19.53 -19.98
N GLU B 66 -26.00 -20.14 -21.05
CA GLU B 66 -26.30 -21.53 -21.34
C GLU B 66 -25.66 -22.48 -20.34
N ARG B 67 -24.65 -22.03 -19.59
CA ARG B 67 -24.02 -22.88 -18.58
C ARG B 67 -24.90 -23.07 -17.35
N VAL B 68 -25.96 -22.28 -17.21
CA VAL B 68 -26.89 -22.39 -16.09
C VAL B 68 -27.97 -23.40 -16.45
N SER B 69 -28.39 -24.20 -15.47
CA SER B 69 -29.41 -25.22 -15.69
C SER B 69 -30.19 -25.42 -14.41
N ALA B 70 -31.49 -25.73 -14.58
CA ALA B 70 -32.39 -26.04 -13.46
C ALA B 70 -32.37 -24.93 -12.40
N LEU B 71 -32.54 -23.70 -12.87
CA LEU B 71 -32.59 -22.55 -11.97
C LEU B 71 -33.89 -22.55 -11.19
N GLU B 72 -33.78 -22.56 -9.86
CA GLU B 72 -34.94 -22.59 -8.98
C GLU B 72 -34.81 -21.49 -7.93
N VAL B 73 -35.89 -20.74 -7.75
CA VAL B 73 -35.95 -19.69 -6.75
C VAL B 73 -36.36 -20.32 -5.41
N LEU B 74 -35.50 -20.18 -4.41
CA LEU B 74 -35.76 -20.78 -3.11
C LEU B 74 -36.77 -19.96 -2.32
N PRO B 75 -37.44 -20.57 -1.34
CA PRO B 75 -38.42 -19.82 -0.53
C PRO B 75 -37.81 -19.05 0.63
N ASP B 76 -36.54 -19.28 0.95
CA ASP B 76 -35.96 -18.75 2.17
C ASP B 76 -35.79 -17.23 2.09
N ARG B 77 -36.23 -16.54 3.14
CA ARG B 77 -36.08 -15.09 3.25
C ARG B 77 -34.88 -14.79 4.13
N VAL B 78 -33.93 -14.02 3.59
CA VAL B 78 -32.70 -13.73 4.33
C VAL B 78 -33.01 -12.89 5.55
N ALA B 79 -32.59 -13.37 6.72
CA ALA B 79 -32.76 -12.63 7.96
C ALA B 79 -31.87 -11.39 7.93
N THR B 80 -32.47 -10.22 8.00
CA THR B 80 -31.72 -8.97 7.97
C THR B 80 -31.56 -8.46 9.40
N SER B 81 -30.34 -8.05 9.74
CA SER B 81 -30.02 -7.53 11.06
C SER B 81 -30.06 -6.01 11.01
N ARG B 82 -29.51 -5.37 12.04
CA ARG B 82 -29.31 -3.93 12.05
C ARG B 82 -27.84 -3.66 12.34
N ILE B 83 -27.33 -2.59 11.74
CA ILE B 83 -25.91 -2.29 11.84
C ILE B 83 -25.53 -2.09 13.30
N SER B 84 -24.33 -2.57 13.66
CA SER B 84 -23.86 -2.45 15.03
C SER B 84 -23.46 -1.01 15.36
N ASP B 85 -23.26 -0.18 14.34
CA ASP B 85 -22.68 1.15 14.56
C ASP B 85 -22.91 1.93 13.27
N ALA B 86 -24.04 2.64 13.20
CA ALA B 86 -24.36 3.42 12.02
C ALA B 86 -23.27 4.44 11.70
N HIS B 87 -22.75 5.11 12.74
CA HIS B 87 -21.74 6.14 12.51
C HIS B 87 -20.48 5.55 11.89
N LEU B 88 -20.01 4.43 12.44
CA LEU B 88 -18.82 3.79 11.89
C LEU B 88 -19.07 3.31 10.46
N ALA B 89 -20.26 2.77 10.20
CA ALA B 89 -20.59 2.32 8.85
C ALA B 89 -20.58 3.48 7.86
N ASP B 90 -21.15 4.62 8.25
CA ASP B 90 -21.24 5.75 7.32
C ASP B 90 -19.85 6.34 7.06
N THR B 91 -19.09 6.63 8.10
CA THR B 91 -17.78 7.25 7.94
C THR B 91 -16.78 6.35 7.24
N MET B 92 -17.04 5.04 7.22
CA MET B 92 -16.09 4.10 6.65
C MET B 92 -16.21 4.01 5.13
N ILE B 93 -17.39 4.31 4.58
CA ILE B 93 -17.59 4.20 3.14
C ILE B 93 -16.67 5.16 2.41
N GLY B 94 -16.00 4.66 1.38
CA GLY B 94 -15.11 5.48 0.57
C GLY B 94 -13.72 5.65 1.12
N LYS B 95 -13.36 4.93 2.19
CA LYS B 95 -12.06 5.07 2.82
C LYS B 95 -11.12 3.96 2.37
N ALA B 96 -9.85 4.30 2.26
CA ALA B 96 -8.80 3.29 2.08
C ALA B 96 -8.57 2.56 3.39
N VAL B 97 -8.36 1.24 3.30
CA VAL B 97 -8.28 0.40 4.49
C VAL B 97 -7.13 -0.58 4.36
N GLU B 98 -6.76 -1.16 5.50
CA GLU B 98 -5.80 -2.26 5.59
C GLU B 98 -6.55 -3.45 6.20
N HIS B 99 -6.83 -4.46 5.39
CA HIS B 99 -7.64 -5.59 5.81
C HIS B 99 -6.74 -6.79 6.12
N MET B 100 -6.90 -7.37 7.31
CA MET B 100 -6.03 -8.43 7.79
C MET B 100 -6.71 -9.78 7.62
N PHE B 101 -6.08 -10.67 6.86
CA PHE B 101 -6.56 -12.02 6.63
C PHE B 101 -5.55 -13.03 7.16
N GLU B 102 -6.05 -14.19 7.59
CA GLU B 102 -5.20 -15.27 8.08
C GLU B 102 -5.16 -16.38 7.03
N THR B 103 -3.96 -16.85 6.73
CA THR B 103 -3.75 -17.93 5.78
C THR B 103 -3.11 -19.13 6.46
N GLU B 104 -3.06 -20.24 5.71
CA GLU B 104 -2.06 -21.30 5.86
C GLU B 104 -1.69 -21.61 7.30
N ASP B 105 -0.43 -21.32 7.67
CA ASP B 105 0.10 -21.61 8.99
C ASP B 105 -0.38 -20.63 10.05
N GLY B 106 -1.22 -19.67 9.70
CA GLY B 106 -1.61 -18.61 10.60
C GLY B 106 -0.93 -17.28 10.32
N SER B 107 0.11 -17.27 9.49
CA SER B 107 0.78 -16.03 9.12
C SER B 107 -0.21 -15.11 8.44
N LYS B 108 -0.51 -13.97 9.06
CA LYS B 108 -1.60 -13.13 8.61
C LYS B 108 -1.19 -12.25 7.43
N ASP B 109 -2.06 -12.15 6.45
CA ASP B 109 -1.87 -11.29 5.29
C ASP B 109 -2.65 -10.00 5.46
N GLU B 110 -2.00 -8.87 5.15
CA GLU B 110 -2.64 -7.56 5.18
C GLU B 110 -2.76 -7.04 3.75
N TRP B 111 -3.98 -6.75 3.34
CA TRP B 111 -4.28 -6.29 1.99
C TRP B 111 -4.78 -4.85 2.04
N ARG B 112 -4.23 -4.01 1.16
CA ARG B 112 -4.72 -2.65 1.02
C ARG B 112 -6.03 -2.66 0.23
N GLY B 113 -7.09 -2.10 0.81
CA GLY B 113 -8.41 -2.16 0.23
C GLY B 113 -9.07 -0.80 0.16
N MET B 114 -10.27 -0.79 -0.42
CA MET B 114 -11.07 0.40 -0.61
C MET B 114 -12.52 0.03 -0.38
N VAL B 115 -13.12 0.54 0.70
CA VAL B 115 -14.52 0.27 1.03
C VAL B 115 -15.40 1.09 0.11
N LEU B 116 -16.28 0.41 -0.63
CA LEU B 116 -17.02 1.04 -1.71
C LEU B 116 -18.42 1.49 -1.31
N ALA B 117 -19.19 0.63 -0.66
CA ALA B 117 -20.57 0.95 -0.31
C ALA B 117 -21.08 -0.11 0.66
N ARG B 118 -22.26 0.16 1.21
CA ARG B 118 -22.99 -0.87 1.93
C ARG B 118 -23.58 -1.86 0.93
N ALA B 119 -23.45 -3.16 1.22
CA ALA B 119 -24.01 -4.15 0.31
C ALA B 119 -25.53 -4.16 0.44
N PRO B 120 -26.25 -4.38 -0.66
CA PRO B 120 -27.70 -4.54 -0.58
C PRO B 120 -28.08 -5.91 -0.03
N VAL B 121 -29.35 -6.02 0.36
CA VAL B 121 -29.95 -7.28 0.80
C VAL B 121 -29.35 -7.74 2.12
N MET B 122 -28.04 -7.96 2.16
CA MET B 122 -27.35 -8.37 3.37
C MET B 122 -26.69 -7.11 3.95
N ASN B 123 -27.40 -6.45 4.86
CA ASN B 123 -27.09 -5.06 5.22
C ASN B 123 -26.03 -4.92 6.31
N THR B 124 -25.47 -6.01 6.82
CA THR B 124 -24.28 -5.92 7.65
C THR B 124 -23.01 -6.24 6.86
N TRP B 125 -23.10 -6.22 5.54
CA TRP B 125 -21.98 -6.49 4.65
C TRP B 125 -21.65 -5.24 3.85
N PHE B 126 -20.38 -5.11 3.48
CA PHE B 126 -19.89 -3.93 2.76
C PHE B 126 -19.22 -4.36 1.46
N TYR B 127 -19.47 -3.61 0.40
CA TYR B 127 -18.69 -3.75 -0.82
C TYR B 127 -17.26 -3.28 -0.58
N ILE B 128 -16.30 -4.00 -1.13
CA ILE B 128 -14.90 -3.65 -0.96
C ILE B 128 -14.10 -4.26 -2.11
N THR B 129 -13.08 -3.55 -2.56
CA THR B 129 -12.14 -4.03 -3.56
C THR B 129 -10.72 -3.80 -3.04
N TYR B 130 -9.75 -4.46 -3.66
CA TYR B 130 -8.37 -4.43 -3.19
C TYR B 130 -7.44 -4.04 -4.32
N GLU B 131 -6.38 -3.31 -3.95
CA GLU B 131 -5.43 -2.81 -4.95
C GLU B 131 -4.72 -3.95 -5.68
N LYS B 132 -4.43 -5.05 -4.99
CA LYS B 132 -3.77 -6.19 -5.60
C LYS B 132 -4.74 -7.28 -6.01
N ASP B 133 -6.03 -7.03 -5.91
CA ASP B 133 -7.07 -7.93 -6.41
C ASP B 133 -8.31 -7.11 -6.72
N PRO B 134 -8.30 -6.34 -7.83
CA PRO B 134 -9.32 -5.31 -8.06
C PRO B 134 -10.66 -5.83 -8.57
N VAL B 135 -11.20 -6.83 -7.88
CA VAL B 135 -12.55 -7.29 -8.13
C VAL B 135 -13.41 -6.96 -6.90
N LEU B 136 -14.71 -7.16 -7.05
CA LEU B 136 -15.67 -6.76 -6.01
C LEU B 136 -15.84 -7.88 -4.99
N TYR B 137 -15.60 -7.55 -3.72
CA TYR B 137 -15.74 -8.48 -2.61
C TYR B 137 -16.83 -8.00 -1.65
N MET B 138 -17.09 -8.83 -0.64
CA MET B 138 -18.16 -8.58 0.33
C MET B 138 -17.69 -9.11 1.67
N TYR B 139 -17.70 -8.25 2.69
CA TYR B 139 -17.26 -8.68 4.01
C TYR B 139 -18.04 -7.92 5.07
N GLN B 140 -18.19 -8.55 6.24
CA GLN B 140 -18.80 -7.91 7.40
C GLN B 140 -17.73 -7.09 8.11
N LEU B 141 -17.54 -5.87 7.62
CA LEU B 141 -16.39 -5.07 8.04
C LEU B 141 -16.49 -4.60 9.49
N LEU B 142 -17.71 -4.40 10.00
CA LEU B 142 -17.84 -3.96 11.38
C LEU B 142 -17.27 -4.99 12.35
N ASP B 143 -17.52 -6.27 12.10
CA ASP B 143 -16.95 -7.32 12.93
C ASP B 143 -15.43 -7.35 12.81
N ASP B 144 -14.90 -7.18 11.59
CA ASP B 144 -13.46 -7.17 11.43
C ASP B 144 -12.83 -5.96 12.12
N TYR B 145 -13.53 -4.82 12.10
CA TYR B 145 -13.00 -3.63 12.74
C TYR B 145 -12.95 -3.81 14.26
N LYS B 146 -13.95 -4.46 14.84
CA LYS B 146 -13.92 -4.71 16.27
C LYS B 146 -12.87 -5.75 16.64
N GLU B 147 -12.58 -6.68 15.74
CA GLU B 147 -11.53 -7.67 15.98
C GLU B 147 -10.13 -7.12 15.79
N GLY B 148 -9.98 -5.87 15.37
CA GLY B 148 -8.68 -5.30 15.09
C GLY B 148 -8.10 -5.67 13.74
N ASP B 149 -8.84 -6.41 12.91
CA ASP B 149 -8.37 -6.85 11.60
C ASP B 149 -8.72 -5.86 10.49
N LEU B 150 -9.06 -4.63 10.83
CA LEU B 150 -9.39 -3.61 9.83
C LEU B 150 -8.98 -2.25 10.37
N ARG B 151 -8.12 -1.55 9.64
CA ARG B 151 -7.68 -0.21 9.99
C ARG B 151 -8.03 0.74 8.85
N ILE B 152 -8.49 1.93 9.19
CA ILE B 152 -8.84 2.94 8.21
C ILE B 152 -7.65 3.85 7.99
N MET B 153 -7.28 4.05 6.72
CA MET B 153 -6.13 4.89 6.37
C MET B 153 -6.61 6.31 6.05
N PRO B 154 -5.95 7.35 6.60
CA PRO B 154 -6.35 8.74 6.43
C PRO B 154 -5.54 9.46 5.35
N SER B 172 -22.34 10.29 -18.57
CA SER B 172 -21.68 9.34 -17.67
C SER B 172 -21.01 8.23 -18.46
N LEU B 173 -20.07 7.54 -17.80
CA LEU B 173 -19.49 6.33 -18.38
C LEU B 173 -20.42 5.13 -18.26
N VAL B 174 -21.36 5.17 -17.31
CA VAL B 174 -22.23 4.03 -17.06
C VAL B 174 -23.03 3.71 -18.32
N GLY B 175 -22.95 2.47 -18.78
CA GLY B 175 -23.71 2.00 -19.91
C GLY B 175 -22.90 1.78 -21.18
N LYS B 176 -21.76 2.44 -21.33
CA LYS B 176 -21.00 2.41 -22.57
C LYS B 176 -20.06 1.23 -22.63
N GLN B 177 -19.91 0.64 -23.82
CA GLN B 177 -18.94 -0.41 -24.03
C GLN B 177 -17.54 0.16 -23.96
N VAL B 178 -16.61 -0.61 -23.38
CA VAL B 178 -15.23 -0.18 -23.23
C VAL B 178 -14.31 -1.30 -23.65
N GLU B 179 -13.04 -0.95 -23.86
CA GLU B 179 -11.98 -1.91 -24.15
C GLU B 179 -10.80 -1.63 -23.23
N TYR B 180 -10.23 -2.69 -22.67
CA TYR B 180 -9.08 -2.62 -21.78
C TYR B 180 -7.95 -3.43 -22.41
N ALA B 181 -6.85 -2.75 -22.73
CA ALA B 181 -5.73 -3.36 -23.45
C ALA B 181 -4.54 -3.51 -22.52
N LYS B 182 -4.05 -4.73 -22.38
CA LYS B 182 -2.96 -5.04 -21.47
C LYS B 182 -1.61 -4.96 -22.22
N GLU B 183 -0.53 -5.22 -21.49
CA GLU B 183 0.79 -5.28 -22.10
C GLU B 183 0.89 -6.45 -23.08
N ASP B 184 0.18 -7.55 -22.81
CA ASP B 184 0.31 -8.80 -23.55
C ASP B 184 -0.07 -8.65 -25.02
N GLY B 185 -0.47 -7.45 -25.44
CA GLY B 185 -1.03 -7.29 -26.76
C GLY B 185 -2.41 -7.87 -26.93
N SER B 186 -2.97 -8.48 -25.89
CA SER B 186 -4.35 -8.95 -25.89
C SER B 186 -5.18 -8.04 -25.01
N LYS B 187 -6.42 -7.79 -25.44
CA LYS B 187 -7.30 -6.85 -24.77
C LYS B 187 -8.56 -7.56 -24.28
N ARG B 188 -9.36 -6.81 -23.54
CA ARG B 188 -10.63 -7.30 -23.02
C ARG B 188 -11.72 -6.27 -23.31
N THR B 189 -12.92 -6.77 -23.60
CA THR B 189 -14.08 -5.94 -23.89
C THR B 189 -15.15 -6.15 -22.83
N GLY B 190 -15.93 -5.10 -22.58
CA GLY B 190 -16.97 -5.20 -21.57
C GLY B 190 -17.80 -3.93 -21.53
N MET B 191 -18.50 -3.76 -20.40
CA MET B 191 -19.40 -2.63 -20.22
C MET B 191 -19.28 -2.09 -18.80
N VAL B 192 -19.36 -0.77 -18.68
CA VAL B 192 -19.39 -0.12 -17.36
C VAL B 192 -20.82 -0.20 -16.83
N ILE B 193 -20.99 -0.80 -15.66
CA ILE B 193 -22.32 -1.10 -15.14
C ILE B 193 -22.71 -0.24 -13.95
N HIS B 194 -21.75 0.39 -13.27
CA HIS B 194 -22.09 1.12 -12.05
C HIS B 194 -21.02 2.15 -11.74
N GLN B 195 -21.44 3.28 -11.19
CA GLN B 195 -20.54 4.29 -10.66
C GLN B 195 -20.70 4.37 -9.15
N VAL B 196 -19.58 4.30 -8.43
CA VAL B 196 -19.63 4.30 -6.98
C VAL B 196 -20.02 5.69 -6.49
N GLU B 197 -21.07 5.75 -5.67
CA GLU B 197 -21.55 7.03 -5.16
C GLU B 197 -20.46 7.75 -4.37
N ALA B 198 -19.82 7.04 -3.42
CA ALA B 198 -18.87 7.68 -2.52
C ALA B 198 -17.61 8.18 -3.20
N LYS B 199 -17.33 7.70 -4.43
CA LYS B 199 -16.18 8.18 -5.19
C LYS B 199 -16.52 8.06 -6.66
N PRO B 200 -17.00 9.13 -7.30
CA PRO B 200 -17.52 9.01 -8.67
C PRO B 200 -16.48 8.59 -9.70
N SER B 201 -15.19 8.69 -9.39
CA SER B 201 -14.15 8.28 -10.34
C SER B 201 -14.03 6.76 -10.45
N VAL B 202 -14.66 6.01 -9.55
CA VAL B 202 -14.56 4.56 -9.53
C VAL B 202 -15.81 3.96 -10.16
N TYR B 203 -15.63 2.89 -10.94
CA TYR B 203 -16.73 2.26 -11.65
C TYR B 203 -16.61 0.75 -11.52
N PHE B 204 -17.73 0.08 -11.71
CA PHE B 204 -17.78 -1.38 -11.86
C PHE B 204 -17.84 -1.72 -13.33
N ILE B 205 -17.04 -2.69 -13.75
CA ILE B 205 -16.97 -3.11 -15.15
C ILE B 205 -17.20 -4.62 -15.23
N LYS B 206 -18.12 -5.03 -16.10
CA LYS B 206 -18.35 -6.42 -16.41
C LYS B 206 -17.70 -6.74 -17.76
N PHE B 207 -16.79 -7.71 -17.77
CA PHE B 207 -16.09 -8.11 -18.99
C PHE B 207 -16.71 -9.37 -19.57
N ASP B 208 -16.78 -9.42 -20.91
CA ASP B 208 -17.34 -10.58 -21.59
C ASP B 208 -16.54 -11.83 -21.27
N ASP B 209 -17.24 -12.93 -21.05
CA ASP B 209 -16.62 -14.22 -20.73
C ASP B 209 -15.76 -14.12 -19.47
N ASP B 210 -16.32 -13.50 -18.44
CA ASP B 210 -15.71 -13.42 -17.12
C ASP B 210 -16.80 -13.00 -16.14
N PHE B 211 -17.00 -13.77 -15.06
CA PHE B 211 -18.11 -13.50 -14.15
C PHE B 211 -17.69 -12.71 -12.91
N HIS B 212 -16.50 -12.12 -12.89
CA HIS B 212 -16.13 -11.22 -11.82
C HIS B 212 -16.58 -9.80 -12.13
N ILE B 213 -16.70 -8.99 -11.08
CA ILE B 213 -17.00 -7.57 -11.21
C ILE B 213 -15.71 -6.82 -10.92
N TYR B 214 -15.16 -6.16 -11.94
CA TYR B 214 -13.91 -5.44 -11.79
C TYR B 214 -14.16 -4.00 -11.37
N VAL B 215 -13.32 -3.51 -10.47
CA VAL B 215 -13.46 -2.18 -9.88
C VAL B 215 -12.24 -1.38 -10.26
N TYR B 216 -12.42 -0.37 -11.11
CA TYR B 216 -11.32 0.44 -11.62
C TYR B 216 -11.61 1.92 -11.37
N ASP B 217 -10.55 2.67 -11.06
CA ASP B 217 -10.61 4.13 -11.04
C ASP B 217 -10.30 4.62 -12.45
N LEU B 218 -11.32 5.06 -13.17
CA LEU B 218 -11.19 5.40 -14.58
C LEU B 218 -10.98 6.89 -14.82
N VAL B 219 -10.63 7.65 -13.79
CA VAL B 219 -10.36 9.07 -13.95
C VAL B 219 -9.05 9.42 -13.27
C15 6P9 C . 18.15 6.19 18.61
C12 6P9 C . 22.89 12.34 18.67
C11 6P9 C . 23.35 10.97 19.16
C10 6P9 C . 22.33 9.96 18.62
C13 6P9 C . 21.44 12.17 18.22
C14 6P9 C . 19.46 6.74 18.00
O01 6P9 C . 14.80 7.37 17.97
C02 6P9 C . 15.70 6.58 18.07
N03 6P9 C . 17.00 7.03 18.45
C04 6P9 C . 17.32 8.43 18.74
C05 6P9 C . 18.25 9.00 17.67
C06 6P9 C . 19.33 8.04 17.16
C07 6P9 C . 20.71 8.69 17.08
C08 6P9 C . 20.60 10.23 17.05
N09 6P9 C . 21.06 10.72 18.39
C16 6P9 C . 15.46 5.10 17.78
C17 6P9 C . 14.74 4.19 18.63
N18 6P9 C . 14.17 4.67 19.87
C19 6P9 C . 13.48 3.97 20.95
C20 6P9 C . 12.36 4.54 21.61
C21 6P9 C . 11.70 3.87 22.65
C22 6P9 C . 12.12 2.63 23.10
C23 6P9 C . 13.22 2.05 22.47
C24 6P9 C . 13.89 2.70 21.43
C25 6P9 C . 14.60 2.83 18.20
C26 6P9 C . 15.15 2.29 17.00
C27 6P9 C . 15.00 0.81 16.54
N28 6P9 C . 13.93 0.35 15.70
C29 6P9 C . 13.74 -1.07 15.21
C30 6P9 C . 13.53 -1.14 13.67
C31 6P9 C . 12.39 -0.25 13.19
C32 6P9 C . 12.20 -0.30 11.71
C33 6P9 C . 10.98 0.58 11.32
N34 6P9 C . 10.96 0.66 9.86
C35 6P9 C . 10.64 -0.74 9.48
C36 6P9 C . 9.76 -0.64 8.22
C37 6P9 C . 9.38 0.84 8.09
C38 6P9 C . 9.76 1.44 9.43
C39 6P9 C . 12.69 1.16 13.66
C40 6P9 C . 12.86 1.19 15.18
O41 6P9 C . 15.83 0.00 16.89
C42 6P9 C . 15.83 3.23 16.25
C43 6P9 C . 15.98 4.56 16.60
MG MG D . 0.58 -3.64 2.24
CL CL E . 2.77 -0.02 4.34
C15 6P9 F . -15.57 -20.61 -6.60
C12 6P9 F . -20.87 -19.58 -11.88
C11 6P9 F . -21.86 -20.35 -11.04
C10 6P9 F . -21.10 -20.79 -9.76
C13 6P9 F . -19.75 -19.17 -10.93
C14 6P9 F . -16.84 -19.74 -6.81
O01 6P9 F . -12.41 -19.76 -8.21
C02 6P9 F . -13.15 -19.97 -7.30
N03 6P9 F . -14.51 -20.33 -7.57
C04 6P9 F . -15.01 -20.45 -8.97
C05 6P9 F . -16.16 -19.45 -9.20
C06 6P9 F . -17.33 -19.74 -8.28
C07 6P9 F . -18.42 -18.70 -8.49
C08 6P9 F . -19.77 -19.40 -8.54
N09 6P9 F . -19.75 -20.18 -9.81
C16 6P9 F . -12.61 -19.83 -5.86
C17 6P9 F . -11.77 -20.80 -5.21
N18 6P9 F . -11.41 -22.01 -5.87
C19 6P9 F . -10.53 -23.10 -5.46
C20 6P9 F . -9.60 -23.69 -6.35
C21 6P9 F . -8.75 -24.73 -5.97
C22 6P9 F . -8.79 -25.25 -4.68
C23 6P9 F . -9.70 -24.71 -3.78
C24 6P9 F . -10.55 -23.67 -4.15
C25 6P9 F . -11.31 -20.52 -3.88
C26 6P9 F . -11.62 -19.37 -3.13
C27 6P9 F . -11.08 -19.13 -1.69
N28 6P9 F . -10.10 -18.12 -1.36
C29 6P9 F . -9.55 -17.83 0.02
C30 6P9 F . -9.79 -16.35 0.44
C31 6P9 F . -10.47 -15.47 -0.62
C32 6P9 F . -10.43 -14.00 -0.23
C33 6P9 F . -9.18 -13.31 -0.82
N34 6P9 F . -9.42 -11.87 -0.82
C35 6P9 F . -8.52 -11.40 -1.90
C36 6P9 F . -7.56 -10.38 -1.32
C37 6P9 F . -7.84 -10.26 0.18
C38 6P9 F . -8.91 -11.29 0.48
C39 6P9 F . -9.88 -15.72 -2.03
C40 6P9 F . -9.47 -17.18 -2.27
O41 6P9 F . -11.49 -19.82 -0.79
C42 6P9 F . -12.41 -18.46 -3.82
C43 6P9 F . -12.88 -18.68 -5.12
CL CL G . -1.73 -4.79 -0.62
#